data_5IDY
#
_entry.id   5IDY
#
_cell.length_a   109.720
_cell.length_b   109.720
_cell.length_c   111.040
_cell.angle_alpha   90.000
_cell.angle_beta   90.000
_cell.angle_gamma   90.000
#
_symmetry.space_group_name_H-M   'P 43 21 2'
#
loop_
_entity.id
_entity.type
_entity.pdbx_description
1 polymer 'Short-chain dehydrogenase/reductase SDR'
2 non-polymer 'SULFATE ION'
3 non-polymer 1,2-ETHANEDIOL
4 non-polymer 'CHLORIDE ION'
5 non-polymer 'NADP NICOTINAMIDE-ADENINE-DINUCLEOTIDE PHOSPHATE'
6 water water
#
_entity_poly.entity_id   1
_entity_poly.type   'polypeptide(L)'
_entity_poly.pdbx_seq_one_letter_code
;MAHHHHHHMDLGIAGKTALVCAASKGLGRGCAEALAAEGVNLVIVARTRDTLERTADEIRAASNVSVATVACDITTPDGR
AAALAACPQPDILVNNAGGPPPGDFRDFSHDDWIRALESNMLTPIELIRATVDGMIARGFGRIVNITSSAVKAPIDVLAL
SNGARSGLTGFVAGLARKVVGQGVTINNLLPGLFDTDRIATTLAAAANAQGVTVDELRARRTRDIPAGRLGTRAEFGAAC
AFLCSVHAGYITGQNWLLDGGAYPGTF
;
_entity_poly.pdbx_strand_id   A,B
#
loop_
_chem_comp.id
_chem_comp.type
_chem_comp.name
_chem_comp.formula
CL non-polymer 'CHLORIDE ION' 'Cl -1'
EDO non-polymer 1,2-ETHANEDIOL 'C2 H6 O2'
NAP non-polymer 'NADP NICOTINAMIDE-ADENINE-DINUCLEOTIDE PHOSPHATE' 'C21 H28 N7 O17 P3'
SO4 non-polymer 'SULFATE ION' 'O4 S -2'
#
# COMPACT_ATOMS: atom_id res chain seq x y z
N HIS A 6 36.65 10.62 -23.78
CA HIS A 6 35.26 11.06 -23.57
C HIS A 6 35.00 11.53 -22.12
N HIS A 7 34.28 12.64 -21.97
CA HIS A 7 33.76 13.04 -20.67
C HIS A 7 32.65 12.08 -20.25
N HIS A 8 33.02 10.95 -19.64
CA HIS A 8 32.00 9.99 -19.21
C HIS A 8 31.04 10.60 -18.20
N MET A 9 30.15 9.81 -17.61
CA MET A 9 29.05 10.45 -16.88
C MET A 9 29.50 10.65 -15.45
N ASP A 10 29.60 11.92 -15.05
CA ASP A 10 29.96 12.30 -13.68
C ASP A 10 28.63 12.50 -12.94
N LEU A 11 28.32 11.62 -12.02
CA LEU A 11 27.06 11.74 -11.30
C LEU A 11 27.09 12.83 -10.23
N GLY A 12 28.27 13.42 -9.99
CA GLY A 12 28.36 14.60 -9.16
C GLY A 12 28.21 14.32 -7.66
N ILE A 13 28.42 13.07 -7.22
CA ILE A 13 28.09 12.79 -5.82
C ILE A 13 29.32 12.32 -5.07
N ALA A 14 30.52 12.55 -5.65
CA ALA A 14 31.72 12.15 -4.91
C ALA A 14 31.79 12.92 -3.59
N GLY A 15 32.19 12.21 -2.53
CA GLY A 15 32.28 12.85 -1.20
C GLY A 15 30.97 13.00 -0.44
N LYS A 16 29.82 12.70 -1.05
CA LYS A 16 28.58 12.56 -0.26
C LYS A 16 28.66 11.30 0.58
N THR A 17 27.67 11.11 1.47
CA THR A 17 27.62 10.00 2.39
C THR A 17 26.30 9.28 2.16
N ALA A 18 26.34 7.94 2.10
CA ALA A 18 25.11 7.19 1.90
C ALA A 18 24.95 6.17 3.00
N LEU A 19 23.73 6.07 3.53
CA LEU A 19 23.40 4.98 4.42
C LEU A 19 22.71 3.93 3.58
N VAL A 20 23.31 2.74 3.47
CA VAL A 20 22.78 1.70 2.57
C VAL A 20 22.30 0.54 3.42
N CYS A 21 20.97 0.36 3.55
CA CYS A 21 20.42 -0.67 4.44
C CYS A 21 20.45 -2.05 3.81
N ALA A 22 20.73 -3.10 4.62
CA ALA A 22 20.56 -4.48 4.19
C ALA A 22 21.41 -4.75 2.93
N ALA A 23 22.74 -4.64 3.11
CA ALA A 23 23.57 -4.41 1.92
C ALA A 23 24.90 -5.13 1.99
N SER A 24 25.02 -6.18 2.83
CA SER A 24 26.18 -7.05 2.69
C SER A 24 26.09 -7.98 1.48
N LYS A 25 24.90 -8.18 0.92
CA LYS A 25 24.67 -9.12 -0.17
C LYS A 25 23.56 -8.55 -1.08
N GLY A 26 23.49 -9.10 -2.29
CA GLY A 26 22.32 -8.92 -3.17
C GLY A 26 22.20 -7.51 -3.66
N LEU A 27 20.93 -7.11 -3.88
CA LEU A 27 20.66 -5.81 -4.47
C LEU A 27 21.19 -4.67 -3.62
N GLY A 28 21.09 -4.76 -2.27
CA GLY A 28 21.66 -3.71 -1.45
C GLY A 28 23.19 -3.58 -1.64
N ARG A 29 23.87 -4.71 -1.69
CA ARG A 29 25.30 -4.68 -1.95
C ARG A 29 25.59 -4.04 -3.31
N GLY A 30 24.79 -4.40 -4.33
CA GLY A 30 24.97 -3.76 -5.65
C GLY A 30 24.83 -2.26 -5.57
N CYS A 31 23.86 -1.75 -4.78
CA CYS A 31 23.73 -0.31 -4.61
C CYS A 31 24.98 0.28 -3.96
N ALA A 32 25.43 -0.35 -2.88
CA ALA A 32 26.62 0.13 -2.20
C ALA A 32 27.83 0.17 -3.12
N GLU A 33 28.08 -0.92 -3.87
CA GLU A 33 29.21 -0.94 -4.80
C GLU A 33 29.12 0.20 -5.80
N ALA A 34 27.91 0.39 -6.37
CA ALA A 34 27.79 1.39 -7.43
C ALA A 34 27.99 2.80 -6.87
N LEU A 35 27.46 3.09 -5.68
CA LEU A 35 27.65 4.40 -5.06
C LEU A 35 29.13 4.63 -4.69
N ALA A 36 29.78 3.63 -4.10
CA ALA A 36 31.22 3.78 -3.83
C ALA A 36 32.03 4.04 -5.07
N ALA A 37 31.67 3.37 -6.19
CA ALA A 37 32.39 3.59 -7.43
C ALA A 37 32.25 5.02 -7.89
N GLU A 38 31.24 5.73 -7.41
CA GLU A 38 31.08 7.14 -7.79
C GLU A 38 31.62 8.05 -6.69
N GLY A 39 32.37 7.49 -5.72
CA GLY A 39 33.03 8.36 -4.76
C GLY A 39 32.22 8.62 -3.51
N VAL A 40 31.07 7.96 -3.32
CA VAL A 40 30.25 8.16 -2.13
C VAL A 40 30.78 7.35 -0.95
N ASN A 41 31.01 8.04 0.17
CA ASN A 41 31.36 7.32 1.41
C ASN A 41 30.14 6.59 1.92
N LEU A 42 30.36 5.39 2.49
CA LEU A 42 29.24 4.52 2.80
C LEU A 42 29.19 4.17 4.27
N VAL A 43 27.96 3.96 4.74
CA VAL A 43 27.71 3.20 5.96
C VAL A 43 26.79 2.08 5.51
N ILE A 44 27.20 0.79 5.66
CA ILE A 44 26.39 -0.31 5.19
CA ILE A 44 26.48 -0.38 5.17
C ILE A 44 25.93 -1.13 6.39
N VAL A 45 24.65 -1.55 6.31
CA VAL A 45 23.98 -2.24 7.43
C VAL A 45 23.67 -3.68 7.04
N ALA A 46 23.93 -4.64 7.95
CA ALA A 46 23.38 -5.98 7.79
C ALA A 46 23.48 -6.62 9.16
N ARG A 47 22.85 -7.79 9.30
CA ARG A 47 22.85 -8.43 10.63
C ARG A 47 24.11 -9.24 10.89
N THR A 48 24.58 -9.99 9.90
CA THR A 48 25.62 -10.99 10.11
C THR A 48 26.98 -10.32 9.99
N ARG A 49 27.77 -10.41 11.08
CA ARG A 49 28.97 -9.58 11.13
C ARG A 49 30.01 -9.97 10.07
N ASP A 50 30.28 -11.27 9.92
CA ASP A 50 31.45 -11.62 9.08
C ASP A 50 31.22 -11.31 7.59
N THR A 51 30.02 -11.57 7.07
CA THR A 51 29.68 -11.18 5.70
C THR A 51 29.73 -9.66 5.52
N LEU A 52 29.14 -8.95 6.47
CA LEU A 52 29.16 -7.50 6.43
C LEU A 52 30.60 -6.97 6.35
N GLU A 53 31.49 -7.45 7.23
CA GLU A 53 32.86 -6.94 7.18
C GLU A 53 33.55 -7.31 5.86
N ARG A 54 33.29 -8.51 5.34
CA ARG A 54 33.97 -8.91 4.12
C ARG A 54 33.53 -8.02 2.97
N THR A 55 32.23 -7.79 2.88
CA THR A 55 31.69 -6.94 1.82
C THR A 55 32.24 -5.53 1.95
N ALA A 56 32.24 -4.98 3.19
CA ALA A 56 32.87 -3.67 3.36
C ALA A 56 34.33 -3.71 2.95
N ASP A 57 35.08 -4.74 3.33
CA ASP A 57 36.50 -4.76 2.97
C ASP A 57 36.65 -4.75 1.44
N GLU A 58 35.79 -5.49 0.75
CA GLU A 58 35.91 -5.59 -0.70
C GLU A 58 35.64 -4.26 -1.36
N ILE A 59 34.58 -3.59 -0.90
CA ILE A 59 34.21 -2.30 -1.49
C ILE A 59 35.29 -1.27 -1.21
N ARG A 60 35.75 -1.21 0.05
CA ARG A 60 36.82 -0.28 0.39
C ARG A 60 38.05 -0.52 -0.46
N ALA A 61 38.40 -1.80 -0.72
CA ALA A 61 39.62 -2.03 -1.48
C ALA A 61 39.43 -1.62 -2.95
N ALA A 62 38.24 -1.80 -3.47
CA ALA A 62 37.98 -1.51 -4.87
C ALA A 62 37.74 -0.01 -5.14
N SER A 63 37.33 0.78 -4.17
CA SER A 63 36.89 2.12 -4.48
CA SER A 63 36.80 2.13 -4.37
C SER A 63 37.61 3.25 -3.75
N ASN A 64 38.40 2.99 -2.73
N ASN A 64 38.43 3.01 -2.75
CA ASN A 64 38.99 4.08 -1.92
CA ASN A 64 39.00 4.14 -1.96
C ASN A 64 37.95 5.18 -1.53
C ASN A 64 37.93 5.19 -1.56
N VAL A 65 36.83 4.74 -0.96
CA VAL A 65 35.99 5.63 -0.16
C VAL A 65 36.04 5.00 1.24
N SER A 66 35.44 5.64 2.23
CA SER A 66 35.36 4.96 3.51
C SER A 66 34.09 4.12 3.51
N VAL A 67 34.13 3.01 4.24
CA VAL A 67 32.96 2.12 4.25
C VAL A 67 32.77 1.69 5.71
N ALA A 68 31.86 2.36 6.41
CA ALA A 68 31.62 1.97 7.80
C ALA A 68 30.57 0.88 7.80
N THR A 69 30.55 0.05 8.88
CA THR A 69 29.56 -1.02 8.92
C THR A 69 28.76 -0.87 10.21
N VAL A 70 27.50 -1.28 10.13
CA VAL A 70 26.63 -1.35 11.29
C VAL A 70 26.01 -2.74 11.28
N ALA A 71 26.35 -3.56 12.26
CA ALA A 71 25.79 -4.90 12.38
C ALA A 71 24.51 -4.75 13.23
N CYS A 72 23.35 -4.80 12.59
CA CYS A 72 22.14 -4.64 13.37
C CYS A 72 20.98 -5.15 12.53
N ASP A 73 19.86 -5.34 13.20
CA ASP A 73 18.61 -5.67 12.52
C ASP A 73 17.92 -4.35 12.26
N ILE A 74 17.84 -3.95 10.99
CA ILE A 74 17.39 -2.61 10.68
C ILE A 74 15.88 -2.47 10.90
N THR A 75 15.20 -3.60 11.04
CA THR A 75 13.72 -3.54 11.18
C THR A 75 13.29 -3.38 12.64
N THR A 76 14.24 -3.19 13.57
CA THR A 76 13.89 -2.94 14.98
C THR A 76 14.24 -1.53 15.34
N PRO A 77 13.60 -0.97 16.37
CA PRO A 77 13.95 0.41 16.74
C PRO A 77 15.40 0.55 17.17
N ASP A 78 15.91 -0.38 17.95
CA ASP A 78 17.30 -0.12 18.32
CA ASP A 78 17.33 -0.28 18.37
C ASP A 78 18.27 -0.42 17.18
N GLY A 79 17.86 -1.21 16.18
CA GLY A 79 18.69 -1.34 14.98
C GLY A 79 18.72 -0.04 14.22
N ARG A 80 17.55 0.58 14.04
CA ARG A 80 17.50 1.91 13.43
CA ARG A 80 17.55 1.89 13.39
C ARG A 80 18.39 2.89 14.18
N ALA A 81 18.30 2.88 15.52
CA ALA A 81 19.12 3.81 16.28
C ALA A 81 20.61 3.55 16.05
N ALA A 82 21.00 2.28 15.98
CA ALA A 82 22.41 1.97 15.72
C ALA A 82 22.83 2.51 14.37
N ALA A 83 21.98 2.31 13.35
CA ALA A 83 22.34 2.76 12.00
C ALA A 83 22.42 4.28 11.96
N LEU A 84 21.43 4.96 12.58
CA LEU A 84 21.43 6.42 12.54
C LEU A 84 22.57 7.01 13.38
N ALA A 85 23.00 6.31 14.43
CA ALA A 85 24.14 6.80 15.21
C ALA A 85 25.41 6.79 14.35
N ALA A 86 25.51 5.78 13.50
CA ALA A 86 26.68 5.68 12.62
C ALA A 86 26.57 6.62 11.45
N CYS A 87 25.36 6.98 11.05
CA CYS A 87 25.22 7.85 9.90
C CYS A 87 24.11 8.87 10.14
N PRO A 88 24.36 9.88 10.97
CA PRO A 88 23.25 10.75 11.43
C PRO A 88 22.77 11.73 10.35
N GLN A 89 23.60 12.01 9.35
CA GLN A 89 23.26 13.03 8.34
CA GLN A 89 23.34 13.05 8.34
C GLN A 89 23.60 12.51 6.94
N PRO A 90 22.96 11.41 6.52
CA PRO A 90 23.21 10.93 5.15
C PRO A 90 22.70 11.90 4.12
N ASP A 91 23.45 11.97 3.00
CA ASP A 91 22.93 12.61 1.79
C ASP A 91 21.99 11.69 1.03
N ILE A 92 22.26 10.41 1.12
CA ILE A 92 21.60 9.35 0.33
C ILE A 92 21.18 8.28 1.31
N LEU A 93 19.95 7.79 1.16
CA LEU A 93 19.45 6.70 1.97
C LEU A 93 18.91 5.65 1.04
N VAL A 94 19.41 4.41 1.15
CA VAL A 94 18.88 3.29 0.38
C VAL A 94 18.15 2.39 1.37
N ASN A 95 16.83 2.32 1.23
CA ASN A 95 16.02 1.50 2.14
C ASN A 95 15.89 0.10 1.58
N ASN A 96 15.99 -0.90 2.48
CA ASN A 96 16.01 -2.29 2.04
C ASN A 96 15.98 -3.12 3.32
N ALA A 97 15.44 -4.32 3.22
CA ALA A 97 15.46 -5.30 4.32
C ALA A 97 15.00 -6.61 3.68
N GLY A 98 15.09 -7.73 4.43
CA GLY A 98 14.58 -8.98 3.87
C GLY A 98 13.08 -8.90 3.63
N GLY A 99 12.60 -9.72 2.72
CA GLY A 99 11.17 -9.74 2.40
C GLY A 99 10.41 -10.73 3.28
N PRO A 100 9.11 -10.60 3.30
CA PRO A 100 8.29 -11.41 4.19
C PRO A 100 8.11 -12.81 3.62
N PRO A 101 7.63 -13.74 4.43
CA PRO A 101 7.49 -15.11 3.93
C PRO A 101 6.33 -15.22 2.97
N PRO A 102 6.42 -16.10 1.97
CA PRO A 102 5.29 -16.34 1.07
C PRO A 102 4.29 -17.25 1.75
N GLY A 103 3.07 -17.27 1.24
CA GLY A 103 2.12 -18.23 1.77
C GLY A 103 0.72 -17.74 1.48
N ASP A 104 -0.25 -18.39 2.14
CA ASP A 104 -1.70 -18.13 2.00
C ASP A 104 -2.14 -17.21 3.14
N PHE A 105 -2.76 -16.05 2.79
CA PHE A 105 -3.10 -15.11 3.86
C PHE A 105 -4.04 -15.73 4.87
N ARG A 106 -4.71 -16.85 4.52
CA ARG A 106 -5.57 -17.50 5.49
C ARG A 106 -4.76 -18.10 6.64
N ASP A 107 -3.48 -18.32 6.43
CA ASP A 107 -2.57 -18.84 7.46
C ASP A 107 -1.71 -17.76 8.14
N PHE A 108 -1.84 -16.49 7.78
CA PHE A 108 -1.05 -15.44 8.42
C PHE A 108 -1.82 -14.86 9.62
N SER A 109 -1.11 -14.72 10.75
CA SER A 109 -1.65 -14.12 11.96
C SER A 109 -1.55 -12.61 11.87
N HIS A 110 -2.26 -11.94 12.77
CA HIS A 110 -2.09 -10.51 12.92
C HIS A 110 -0.60 -10.15 13.08
N ASP A 111 0.12 -10.90 13.91
CA ASP A 111 1.53 -10.62 14.12
C ASP A 111 2.34 -10.79 12.87
N ASP A 112 1.99 -11.77 12.01
CA ASP A 112 2.70 -11.87 10.72
C ASP A 112 2.52 -10.59 9.93
N TRP A 113 1.28 -10.07 9.88
CA TRP A 113 1.06 -8.84 9.15
C TRP A 113 1.87 -7.70 9.75
N ILE A 114 1.84 -7.58 11.08
CA ILE A 114 2.59 -6.49 11.70
C ILE A 114 4.08 -6.61 11.41
N ARG A 115 4.63 -7.84 11.48
CA ARG A 115 6.07 -7.99 11.17
C ARG A 115 6.41 -7.52 9.76
N ALA A 116 5.58 -7.86 8.78
CA ALA A 116 5.86 -7.46 7.41
C ALA A 116 5.74 -5.96 7.25
N LEU A 117 4.66 -5.38 7.81
CA LEU A 117 4.48 -3.94 7.74
C LEU A 117 5.65 -3.23 8.44
N GLU A 118 6.04 -3.71 9.62
CA GLU A 118 7.20 -3.10 10.27
C GLU A 118 8.44 -3.17 9.38
N SER A 119 8.70 -4.36 8.81
CA SER A 119 9.97 -4.58 8.11
C SER A 119 10.03 -3.86 6.79
N ASN A 120 8.94 -3.90 5.99
CA ASN A 120 9.00 -3.43 4.60
C ASN A 120 8.21 -2.16 4.35
N MET A 121 7.59 -1.61 5.37
CA MET A 121 6.93 -0.33 5.17
C MET A 121 7.32 0.68 6.28
N LEU A 122 7.13 0.33 7.56
CA LEU A 122 7.35 1.32 8.62
C LEU A 122 8.83 1.57 8.84
N THR A 123 9.66 0.55 8.64
CA THR A 123 11.12 0.75 8.79
C THR A 123 11.62 1.79 7.80
N PRO A 124 11.29 1.69 6.52
CA PRO A 124 11.77 2.75 5.63
C PRO A 124 11.14 4.09 5.97
N ILE A 125 9.84 4.12 6.33
CA ILE A 125 9.25 5.39 6.69
C ILE A 125 10.00 6.03 7.87
N GLU A 126 10.28 5.24 8.90
CA GLU A 126 10.94 5.80 10.08
C GLU A 126 12.36 6.26 9.71
N LEU A 127 13.04 5.54 8.83
CA LEU A 127 14.40 6.02 8.48
C LEU A 127 14.32 7.32 7.68
N ILE A 128 13.33 7.43 6.80
CA ILE A 128 13.08 8.71 6.11
C ILE A 128 12.75 9.78 7.12
N ARG A 129 11.84 9.48 8.06
CA ARG A 129 11.47 10.46 9.05
C ARG A 129 12.68 11.02 9.79
N ALA A 130 13.67 10.14 10.08
CA ALA A 130 14.81 10.53 10.88
C ALA A 130 15.84 11.31 10.11
N THR A 131 15.80 11.26 8.77
CA THR A 131 16.91 11.81 7.97
C THR A 131 16.48 12.92 7.01
N VAL A 132 15.20 13.04 6.73
CA VAL A 132 14.80 13.91 5.61
C VAL A 132 15.00 15.37 5.97
N ASP A 133 14.79 15.75 7.24
CA ASP A 133 14.91 17.18 7.54
C ASP A 133 16.34 17.65 7.35
N GLY A 134 17.33 16.79 7.65
CA GLY A 134 18.72 17.19 7.40
C GLY A 134 19.01 17.34 5.91
N MET A 135 18.47 16.43 5.08
CA MET A 135 18.60 16.57 3.63
C MET A 135 18.02 17.89 3.15
N ILE A 136 16.81 18.19 3.63
CA ILE A 136 16.16 19.44 3.30
C ILE A 136 17.05 20.61 3.69
N ALA A 137 17.53 20.59 4.93
CA ALA A 137 18.33 21.70 5.43
C ALA A 137 19.57 21.90 4.56
N ARG A 138 20.14 20.81 4.04
CA ARG A 138 21.32 20.92 3.20
C ARG A 138 21.00 21.12 1.73
N GLY A 139 19.74 21.06 1.35
CA GLY A 139 19.36 21.33 -0.02
C GLY A 139 19.64 20.20 -0.98
N PHE A 140 19.83 18.98 -0.46
CA PHE A 140 20.13 17.83 -1.31
C PHE A 140 19.77 16.56 -0.54
N GLY A 141 19.02 15.68 -1.18
CA GLY A 141 18.87 14.36 -0.61
C GLY A 141 18.36 13.41 -1.67
N ARG A 142 18.70 12.16 -1.50
CA ARG A 142 18.27 11.15 -2.50
C ARG A 142 17.86 9.94 -1.66
N ILE A 143 16.57 9.58 -1.73
CA ILE A 143 16.08 8.41 -1.01
C ILE A 143 15.64 7.39 -2.05
N VAL A 144 16.17 6.17 -1.97
CA VAL A 144 15.83 5.11 -2.93
C VAL A 144 15.34 3.94 -2.12
N ASN A 145 14.12 3.47 -2.41
CA ASN A 145 13.52 2.33 -1.69
C ASN A 145 13.50 1.11 -2.59
N ILE A 146 14.17 0.03 -2.16
CA ILE A 146 14.12 -1.21 -2.92
C ILE A 146 12.80 -1.88 -2.59
N THR A 147 11.89 -2.03 -3.58
CA THR A 147 10.60 -2.67 -3.24
C THR A 147 10.51 -3.96 -4.04
N SER A 148 9.62 -4.06 -5.07
CA SER A 148 9.44 -5.34 -5.73
C SER A 148 8.58 -5.09 -6.97
N SER A 149 8.88 -5.79 -8.07
CA SER A 149 8.00 -5.72 -9.24
C SER A 149 6.59 -6.19 -8.89
N ALA A 150 6.42 -6.87 -7.74
CA ALA A 150 5.08 -7.29 -7.33
C ALA A 150 4.23 -6.12 -6.90
N VAL A 151 4.83 -4.96 -6.62
CA VAL A 151 4.00 -3.79 -6.37
C VAL A 151 3.15 -3.46 -7.59
N LYS A 152 3.64 -3.73 -8.79
CA LYS A 152 2.87 -3.44 -10.01
C LYS A 152 1.97 -4.58 -10.38
N ALA A 153 2.33 -5.81 -10.02
CA ALA A 153 1.49 -6.95 -10.34
C ALA A 153 1.54 -7.92 -9.18
N PRO A 154 0.66 -7.76 -8.19
CA PRO A 154 0.74 -8.59 -6.98
C PRO A 154 0.52 -10.04 -7.31
N ILE A 155 1.30 -10.94 -6.64
CA ILE A 155 1.08 -12.41 -6.73
C ILE A 155 0.33 -12.88 -5.49
N ASP A 156 -0.65 -13.78 -5.64
CA ASP A 156 -1.43 -14.25 -4.50
C ASP A 156 -0.55 -14.78 -3.35
N VAL A 157 0.54 -15.49 -3.69
CA VAL A 157 1.41 -16.08 -2.61
C VAL A 157 2.27 -15.04 -1.92
N LEU A 158 2.26 -13.79 -2.40
CA LEU A 158 3.07 -12.75 -1.78
C LEU A 158 2.20 -11.72 -1.06
N ALA A 159 1.09 -12.17 -0.47
CA ALA A 159 0.16 -11.25 0.21
C ALA A 159 0.87 -10.26 1.11
N LEU A 160 1.85 -10.73 1.94
CA LEU A 160 2.46 -9.86 2.93
C LEU A 160 3.27 -8.75 2.24
N SER A 161 3.97 -9.13 1.19
CA SER A 161 4.72 -8.15 0.41
C SER A 161 3.80 -7.24 -0.38
N ASN A 162 2.79 -7.83 -1.03
CA ASN A 162 1.84 -7.03 -1.78
C ASN A 162 1.29 -5.91 -0.89
N GLY A 163 0.93 -6.25 0.35
CA GLY A 163 0.33 -5.26 1.22
C GLY A 163 1.38 -4.27 1.74
N ALA A 164 2.46 -4.78 2.30
CA ALA A 164 3.35 -3.84 2.96
C ALA A 164 4.03 -2.93 1.94
N ARG A 165 4.49 -3.49 0.81
CA ARG A 165 5.25 -2.65 -0.10
C ARG A 165 4.32 -1.71 -0.85
N SER A 166 3.07 -2.12 -1.11
CA SER A 166 2.14 -1.17 -1.70
C SER A 166 1.85 -0.02 -0.75
N GLY A 167 1.80 -0.31 0.56
CA GLY A 167 1.62 0.79 1.50
C GLY A 167 2.77 1.76 1.48
N LEU A 168 4.00 1.24 1.45
CA LEU A 168 5.14 2.14 1.39
C LEU A 168 5.05 2.98 0.11
N THR A 169 4.68 2.34 -0.99
CA THR A 169 4.63 3.02 -2.29
C THR A 169 3.63 4.16 -2.27
N GLY A 170 2.45 3.96 -1.67
CA GLY A 170 1.48 5.08 -1.62
C GLY A 170 1.96 6.19 -0.71
N PHE A 171 2.61 5.83 0.43
CA PHE A 171 3.18 6.88 1.28
C PHE A 171 4.24 7.70 0.55
N VAL A 172 5.13 6.99 -0.14
CA VAL A 172 6.21 7.66 -0.85
C VAL A 172 5.65 8.61 -1.90
N ALA A 173 4.56 8.20 -2.56
CA ALA A 173 4.01 9.08 -3.59
C ALA A 173 3.62 10.43 -2.99
N GLY A 174 3.03 10.44 -1.80
CA GLY A 174 2.63 11.71 -1.24
C GLY A 174 3.82 12.52 -0.76
N LEU A 175 4.81 11.85 -0.15
CA LEU A 175 5.92 12.61 0.42
C LEU A 175 6.82 13.15 -0.69
N ALA A 176 6.94 12.42 -1.81
CA ALA A 176 7.91 12.81 -2.83
C ALA A 176 7.60 14.20 -3.32
N ARG A 177 6.31 14.51 -3.50
CA ARG A 177 5.96 15.79 -4.08
C ARG A 177 6.18 16.91 -3.08
N LYS A 178 6.12 16.57 -1.80
CA LYS A 178 6.28 17.61 -0.78
CA LYS A 178 6.27 17.61 -0.79
C LYS A 178 7.71 18.12 -0.70
N VAL A 179 8.71 17.26 -0.93
CA VAL A 179 10.09 17.64 -0.60
C VAL A 179 10.96 17.88 -1.82
N VAL A 180 10.47 17.64 -3.03
CA VAL A 180 11.35 17.73 -4.19
C VAL A 180 11.78 19.16 -4.43
N GLY A 181 10.93 20.15 -4.09
CA GLY A 181 11.34 21.53 -4.24
C GLY A 181 12.50 21.92 -3.31
N GLN A 182 12.76 21.14 -2.30
CA GLN A 182 13.86 21.42 -1.39
CA GLN A 182 13.87 21.44 -1.41
C GLN A 182 15.12 20.61 -1.75
N GLY A 183 15.13 19.99 -2.92
CA GLY A 183 16.29 19.28 -3.42
C GLY A 183 16.38 17.82 -3.00
N VAL A 184 15.28 17.23 -2.52
CA VAL A 184 15.25 15.84 -2.05
C VAL A 184 14.34 15.06 -2.96
N THR A 185 14.84 13.95 -3.54
CA THR A 185 13.97 13.08 -4.34
C THR A 185 13.79 11.75 -3.63
N ILE A 186 12.64 11.12 -3.87
CA ILE A 186 12.32 9.85 -3.24
C ILE A 186 11.78 8.98 -4.35
N ASN A 187 12.47 7.88 -4.65
CA ASN A 187 12.08 7.04 -5.79
C ASN A 187 12.17 5.58 -5.37
N ASN A 188 11.44 4.70 -6.06
CA ASN A 188 11.44 3.28 -5.74
C ASN A 188 11.98 2.48 -6.93
N LEU A 189 12.78 1.46 -6.62
CA LEU A 189 13.31 0.53 -7.61
C LEU A 189 12.63 -0.80 -7.38
N LEU A 190 12.03 -1.35 -8.44
CA LEU A 190 11.14 -2.50 -8.29
C LEU A 190 11.79 -3.64 -9.03
N PRO A 191 12.50 -4.55 -8.34
CA PRO A 191 13.22 -5.60 -9.05
C PRO A 191 12.26 -6.71 -9.42
N GLY A 192 12.49 -7.27 -10.61
CA GLY A 192 11.85 -8.54 -10.97
C GLY A 192 12.92 -9.51 -10.51
N LEU A 193 13.19 -10.56 -11.23
CA LEU A 193 14.02 -11.62 -10.69
C LEU A 193 15.49 -11.27 -10.93
N PHE A 194 16.23 -11.08 -9.85
CA PHE A 194 17.66 -10.81 -9.89
C PHE A 194 18.46 -11.99 -9.34
N ASP A 195 19.61 -12.23 -9.94
CA ASP A 195 20.39 -13.41 -9.59
C ASP A 195 21.27 -13.13 -8.37
N THR A 196 20.62 -12.94 -7.22
CA THR A 196 21.36 -12.83 -5.98
C THR A 196 21.59 -14.22 -5.44
N ASP A 197 22.60 -14.33 -4.55
CA ASP A 197 22.92 -15.65 -4.03
C ASP A 197 21.73 -16.25 -3.29
N ARG A 198 20.92 -15.42 -2.60
CA ARG A 198 19.70 -15.93 -1.97
C ARG A 198 18.77 -16.56 -3.00
N ILE A 199 18.44 -15.83 -4.06
CA ILE A 199 17.60 -16.37 -5.14
C ILE A 199 18.19 -17.66 -5.68
N ALA A 200 19.50 -17.67 -5.94
CA ALA A 200 20.13 -18.88 -6.48
C ALA A 200 19.98 -20.06 -5.53
N THR A 201 20.24 -19.83 -4.24
CA THR A 201 20.08 -20.90 -3.26
C THR A 201 18.63 -21.38 -3.18
N THR A 202 17.69 -20.43 -3.21
CA THR A 202 16.28 -20.77 -3.15
C THR A 202 15.87 -21.60 -4.36
N LEU A 203 16.38 -21.24 -5.53
CA LEU A 203 16.11 -22.01 -6.72
C LEU A 203 16.66 -23.42 -6.62
N ALA A 204 17.94 -23.54 -6.21
CA ALA A 204 18.57 -24.86 -6.16
C ALA A 204 17.87 -25.78 -5.15
N ALA A 205 17.30 -25.19 -4.10
CA ALA A 205 16.53 -26.00 -3.17
C ALA A 205 15.18 -26.39 -3.76
N ALA A 206 14.47 -25.43 -4.40
CA ALA A 206 13.19 -25.76 -5.02
C ALA A 206 13.37 -26.71 -6.21
N ALA A 207 14.51 -26.65 -6.91
CA ALA A 207 14.89 -27.64 -7.92
C ALA A 207 14.98 -29.05 -7.36
N ASN A 208 15.98 -29.30 -6.52
CA ASN A 208 16.19 -30.65 -5.98
C ASN A 208 14.96 -31.15 -5.24
N ALA A 209 14.18 -30.24 -4.66
CA ALA A 209 12.89 -30.62 -4.07
C ALA A 209 11.94 -31.16 -5.13
N GLN A 210 11.72 -30.40 -6.21
CA GLN A 210 10.81 -30.83 -7.27
C GLN A 210 11.33 -32.02 -8.08
N GLY A 211 12.60 -32.39 -7.93
CA GLY A 211 13.16 -33.49 -8.69
C GLY A 211 13.73 -33.11 -10.04
N VAL A 212 13.67 -31.83 -10.42
CA VAL A 212 14.28 -31.32 -11.63
C VAL A 212 15.66 -30.78 -11.27
N THR A 213 16.51 -30.58 -12.28
CA THR A 213 17.81 -29.98 -12.02
C THR A 213 17.68 -28.47 -11.84
N VAL A 214 18.76 -27.84 -11.36
CA VAL A 214 18.78 -26.38 -11.22
C VAL A 214 18.64 -25.70 -12.58
N ASP A 215 19.28 -26.27 -13.61
CA ASP A 215 19.22 -25.63 -14.92
C ASP A 215 17.80 -25.68 -15.49
N GLU A 216 17.09 -26.79 -15.24
CA GLU A 216 15.73 -26.95 -15.71
C GLU A 216 14.81 -25.92 -15.07
N LEU A 217 14.92 -25.76 -13.75
CA LEU A 217 14.12 -24.76 -13.06
C LEU A 217 14.50 -23.34 -13.50
N ARG A 218 15.80 -23.08 -13.66
CA ARG A 218 16.20 -21.78 -14.17
C ARG A 218 15.58 -21.49 -15.52
N ALA A 219 15.54 -22.49 -16.40
CA ALA A 219 14.93 -22.28 -17.72
C ALA A 219 13.45 -21.96 -17.60
N ARG A 220 12.76 -22.65 -16.68
CA ARG A 220 11.34 -22.38 -16.48
C ARG A 220 11.09 -20.93 -16.04
N ARG A 221 11.90 -20.45 -15.07
CA ARG A 221 11.78 -19.07 -14.62
C ARG A 221 12.03 -18.10 -15.74
N THR A 222 13.11 -18.36 -16.48
CA THR A 222 13.57 -17.45 -17.51
C THR A 222 12.62 -17.40 -18.70
N ARG A 223 11.92 -18.51 -18.99
CA ARG A 223 10.88 -18.48 -20.02
C ARG A 223 9.84 -17.40 -19.75
N ASP A 224 9.57 -17.07 -18.50
CA ASP A 224 8.56 -16.06 -18.21
C ASP A 224 9.12 -14.65 -18.16
N ILE A 225 10.41 -14.45 -18.46
CA ILE A 225 11.06 -13.14 -18.48
C ILE A 225 11.41 -12.82 -19.92
N PRO A 226 10.76 -11.84 -20.55
CA PRO A 226 11.03 -11.57 -21.96
C PRO A 226 12.51 -11.33 -22.23
N ALA A 227 13.23 -10.70 -21.29
CA ALA A 227 14.65 -10.47 -21.53
C ALA A 227 15.49 -11.76 -21.53
N GLY A 228 14.93 -12.88 -21.08
CA GLY A 228 15.65 -14.14 -21.26
C GLY A 228 16.78 -14.36 -20.29
N ARG A 229 16.81 -13.60 -19.20
CA ARG A 229 17.90 -13.73 -18.23
C ARG A 229 17.43 -13.13 -16.92
N LEU A 230 18.12 -13.46 -15.81
CA LEU A 230 17.83 -12.72 -14.60
C LEU A 230 18.60 -11.40 -14.57
N GLY A 231 18.19 -10.50 -13.66
CA GLY A 231 18.93 -9.24 -13.59
C GLY A 231 20.20 -9.45 -12.78
N THR A 232 21.11 -8.48 -12.87
CA THR A 232 22.36 -8.55 -12.12
C THR A 232 22.39 -7.50 -11.03
N ARG A 233 23.06 -7.77 -9.91
CA ARG A 233 23.08 -6.71 -8.91
C ARG A 233 23.82 -5.47 -9.42
N ALA A 234 24.77 -5.65 -10.33
CA ALA A 234 25.49 -4.48 -10.88
C ALA A 234 24.52 -3.54 -11.62
N GLU A 235 23.61 -4.08 -12.42
CA GLU A 235 22.77 -3.13 -13.16
C GLU A 235 21.72 -2.52 -12.24
N PHE A 236 21.32 -3.28 -11.19
CA PHE A 236 20.43 -2.69 -10.20
C PHE A 236 21.11 -1.54 -9.50
N GLY A 237 22.39 -1.73 -9.12
CA GLY A 237 23.11 -0.66 -8.43
C GLY A 237 23.33 0.54 -9.33
N ALA A 238 23.52 0.28 -10.63
CA ALA A 238 23.72 1.38 -11.58
C ALA A 238 22.48 2.27 -11.66
N ALA A 239 21.29 1.66 -11.66
CA ALA A 239 20.09 2.49 -11.66
C ALA A 239 19.96 3.29 -10.38
N CYS A 240 20.28 2.67 -9.26
CA CYS A 240 20.25 3.37 -7.97
C CYS A 240 21.21 4.56 -7.99
N ALA A 241 22.43 4.33 -8.52
CA ALA A 241 23.38 5.44 -8.57
C ALA A 241 22.87 6.55 -9.48
N PHE A 242 22.23 6.21 -10.60
CA PHE A 242 21.74 7.28 -11.45
C PHE A 242 20.67 8.10 -10.71
N LEU A 243 19.75 7.43 -9.99
CA LEU A 243 18.74 8.17 -9.26
C LEU A 243 19.40 9.04 -8.22
N CYS A 244 20.53 8.60 -7.71
CA CYS A 244 21.18 9.36 -6.65
C CYS A 244 21.95 10.53 -7.20
N SER A 245 21.99 10.69 -8.53
CA SER A 245 22.93 11.66 -9.08
C SER A 245 22.37 13.07 -9.07
N VAL A 246 23.27 14.01 -9.40
CA VAL A 246 22.79 15.40 -9.55
C VAL A 246 22.02 15.56 -10.84
N HIS A 247 21.97 14.53 -11.67
CA HIS A 247 21.19 14.59 -12.90
C HIS A 247 19.76 14.17 -12.75
N ALA A 248 19.38 13.69 -11.54
CA ALA A 248 18.07 13.09 -11.34
C ALA A 248 17.22 13.91 -10.39
N GLY A 249 17.53 15.22 -10.23
CA GLY A 249 16.78 16.04 -9.25
C GLY A 249 15.36 16.42 -9.72
N TYR A 250 15.07 16.20 -11.00
CA TYR A 250 13.70 16.43 -11.52
C TYR A 250 12.88 15.16 -11.56
N ILE A 251 13.41 14.06 -11.02
CA ILE A 251 12.77 12.75 -11.04
C ILE A 251 12.41 12.41 -9.61
N THR A 252 11.11 12.31 -9.31
CA THR A 252 10.74 11.94 -7.96
C THR A 252 9.41 11.20 -7.98
N GLY A 253 9.23 10.38 -6.95
CA GLY A 253 8.00 9.60 -6.83
C GLY A 253 7.88 8.56 -7.90
N GLN A 254 8.97 8.17 -8.53
CA GLN A 254 8.73 7.23 -9.58
CA GLN A 254 8.96 7.25 -9.65
C GLN A 254 9.03 5.80 -9.14
N ASN A 255 8.46 4.88 -9.90
CA ASN A 255 8.53 3.44 -9.57
C ASN A 255 9.16 2.73 -10.76
N TRP A 256 10.49 2.65 -10.77
CA TRP A 256 11.19 2.10 -11.93
C TRP A 256 11.22 0.58 -11.85
N LEU A 257 10.61 -0.04 -12.84
CA LEU A 257 10.51 -1.48 -12.94
C LEU A 257 11.72 -2.03 -13.68
N LEU A 258 12.53 -2.82 -12.98
CA LEU A 258 13.70 -3.42 -13.57
C LEU A 258 13.39 -4.91 -13.62
N ASP A 259 12.66 -5.32 -14.67
CA ASP A 259 12.18 -6.69 -14.64
C ASP A 259 12.25 -7.36 -16.00
N GLY A 260 13.05 -6.81 -16.91
CA GLY A 260 13.26 -7.43 -18.18
C GLY A 260 11.99 -7.52 -18.99
N GLY A 261 11.02 -6.64 -18.72
CA GLY A 261 9.77 -6.64 -19.48
C GLY A 261 8.76 -7.63 -19.01
N ALA A 262 8.94 -8.24 -17.83
CA ALA A 262 8.01 -9.31 -17.44
C ALA A 262 6.63 -8.77 -17.14
N TYR A 263 6.55 -7.65 -16.49
CA TYR A 263 5.24 -7.09 -16.20
C TYR A 263 4.58 -6.63 -17.50
N PRO A 264 3.34 -7.05 -17.80
CA PRO A 264 2.74 -6.80 -19.10
C PRO A 264 2.03 -5.45 -19.26
N GLY A 265 1.88 -4.64 -18.21
CA GLY A 265 1.02 -3.48 -18.31
C GLY A 265 1.68 -2.37 -19.14
N THR A 266 0.86 -1.50 -19.73
CA THR A 266 1.39 -0.33 -20.42
C THR A 266 2.05 0.62 -19.45
N PHE A 267 1.39 0.80 -18.31
CA PHE A 267 1.93 1.58 -17.23
C PHE A 267 1.98 0.74 -15.97
N HIS B 4 -46.81 0.72 -21.25
CA HIS B 4 -45.52 0.13 -21.61
C HIS B 4 -44.45 0.11 -20.49
N HIS B 5 -44.44 -0.90 -19.60
CA HIS B 5 -43.47 -0.95 -18.49
C HIS B 5 -42.17 -1.62 -18.94
N HIS B 6 -41.04 -1.02 -18.53
CA HIS B 6 -39.69 -1.49 -18.88
C HIS B 6 -39.16 -2.35 -17.75
N HIS B 7 -38.48 -3.43 -18.13
CA HIS B 7 -37.98 -4.41 -17.18
C HIS B 7 -37.06 -3.76 -16.12
N HIS B 8 -36.21 -2.79 -16.53
CA HIS B 8 -35.16 -2.20 -15.66
C HIS B 8 -34.15 -3.25 -15.21
N MET B 9 -33.40 -3.00 -14.12
CA MET B 9 -32.25 -3.85 -13.86
C MET B 9 -32.45 -4.62 -12.57
N ASP B 10 -32.56 -5.92 -12.68
CA ASP B 10 -32.70 -6.79 -11.52
C ASP B 10 -31.27 -7.25 -11.19
N LEU B 11 -30.76 -6.83 -10.05
CA LEU B 11 -29.38 -7.19 -9.71
C LEU B 11 -29.24 -8.63 -9.24
N GLY B 12 -30.36 -9.37 -9.12
CA GLY B 12 -30.27 -10.80 -8.89
C GLY B 12 -29.88 -11.25 -7.47
N ILE B 13 -29.87 -10.33 -6.51
CA ILE B 13 -29.28 -10.66 -5.22
C ILE B 13 -30.35 -10.58 -4.13
N ALA B 14 -31.64 -10.57 -4.49
CA ALA B 14 -32.65 -10.60 -3.46
C ALA B 14 -32.50 -11.86 -2.62
N GLY B 15 -32.62 -11.72 -1.30
CA GLY B 15 -32.53 -12.87 -0.41
C GLY B 15 -31.13 -13.16 0.09
N LYS B 16 -30.12 -12.60 -0.55
CA LYS B 16 -28.75 -12.70 -0.03
C LYS B 16 -28.61 -11.85 1.23
N THR B 17 -27.46 -11.95 1.88
CA THR B 17 -27.23 -11.23 3.12
C THR B 17 -25.95 -10.43 2.97
N ALA B 18 -25.97 -9.20 3.43
CA ALA B 18 -24.75 -8.38 3.40
C ALA B 18 -24.37 -7.95 4.81
N LEU B 19 -23.06 -8.01 5.12
CA LEU B 19 -22.50 -7.38 6.32
C LEU B 19 -21.92 -6.05 5.86
N VAL B 20 -22.49 -4.95 6.31
CA VAL B 20 -22.11 -3.60 5.86
C VAL B 20 -21.47 -2.92 7.06
N CYS B 21 -20.16 -2.71 6.98
CA CYS B 21 -19.43 -2.11 8.08
C CYS B 21 -19.57 -0.61 8.04
N ALA B 22 -19.64 -0.01 9.23
CA ALA B 22 -19.50 1.42 9.40
C ALA B 22 -20.58 2.11 8.58
N ALA B 23 -21.81 1.84 8.96
CA ALA B 23 -22.84 2.11 7.98
C ALA B 23 -24.08 2.75 8.59
N SER B 24 -23.96 3.41 9.74
CA SER B 24 -25.11 4.12 10.21
C SER B 24 -25.27 5.46 9.52
N LYS B 25 -24.21 5.96 8.85
CA LYS B 25 -24.23 7.28 8.23
C LYS B 25 -23.39 7.22 6.97
N GLY B 26 -23.54 8.24 6.13
CA GLY B 26 -22.50 8.41 5.07
C GLY B 26 -22.52 7.36 3.97
N LEU B 27 -21.33 7.17 3.36
CA LEU B 27 -21.20 6.22 2.26
C LEU B 27 -21.64 4.82 2.65
N GLY B 28 -21.29 4.38 3.87
CA GLY B 28 -21.67 3.02 4.27
C GLY B 28 -23.17 2.90 4.34
N ARG B 29 -23.83 3.94 4.85
CA ARG B 29 -25.30 3.93 4.85
C ARG B 29 -25.86 3.94 3.42
N GLY B 30 -25.24 4.74 2.54
CA GLY B 30 -25.62 4.69 1.12
C GLY B 30 -25.53 3.29 0.54
N CYS B 31 -24.46 2.53 0.88
CA CYS B 31 -24.38 1.15 0.38
C CYS B 31 -25.49 0.29 0.98
N ALA B 32 -25.70 0.43 2.30
CA ALA B 32 -26.77 -0.32 2.97
C ALA B 32 -28.12 -0.08 2.30
N GLU B 33 -28.46 1.17 2.04
CA GLU B 33 -29.76 1.44 1.49
C GLU B 33 -29.89 0.89 0.10
N ALA B 34 -28.85 1.05 -0.71
CA ALA B 34 -28.91 0.55 -2.08
C ALA B 34 -29.05 -0.98 -2.11
N LEU B 35 -28.34 -1.67 -1.19
CA LEU B 35 -28.51 -3.12 -1.14
C LEU B 35 -29.91 -3.50 -0.63
N ALA B 36 -30.40 -2.81 0.41
CA ALA B 36 -31.79 -3.12 0.85
C ALA B 36 -32.80 -2.98 -0.29
N ALA B 37 -32.63 -1.97 -1.18
CA ALA B 37 -33.58 -1.83 -2.25
C ALA B 37 -33.51 -2.98 -3.25
N GLU B 38 -32.42 -3.71 -3.27
CA GLU B 38 -32.28 -4.88 -4.14
C GLU B 38 -32.71 -6.15 -3.39
N GLY B 39 -33.26 -6.00 -2.18
CA GLY B 39 -33.80 -7.18 -1.48
C GLY B 39 -32.79 -7.95 -0.69
N VAL B 40 -31.62 -7.34 -0.44
CA VAL B 40 -30.58 -7.95 0.36
C VAL B 40 -30.84 -7.67 1.83
N ASN B 41 -30.83 -8.75 2.64
CA ASN B 41 -30.99 -8.59 4.09
C ASN B 41 -29.67 -8.09 4.64
N LEU B 42 -29.74 -7.22 5.65
CA LEU B 42 -28.55 -6.51 6.13
C LEU B 42 -28.21 -6.82 7.59
N VAL B 43 -26.90 -6.86 7.86
CA VAL B 43 -26.40 -6.66 9.22
C VAL B 43 -25.52 -5.42 9.11
N ILE B 44 -25.87 -4.34 9.83
CA ILE B 44 -25.13 -3.09 9.77
C ILE B 44 -24.39 -2.84 11.09
N VAL B 45 -23.16 -2.32 10.97
CA VAL B 45 -22.26 -2.14 12.11
C VAL B 45 -21.98 -0.66 12.28
N ALA B 46 -21.98 -0.19 13.52
CA ALA B 46 -21.43 1.14 13.83
C ALA B 46 -21.16 1.16 15.30
N ARG B 47 -20.42 2.19 15.76
CA ARG B 47 -20.12 2.25 17.18
C ARG B 47 -21.26 2.85 18.00
N THR B 48 -21.95 3.88 17.52
CA THR B 48 -22.86 4.63 18.37
C THR B 48 -24.24 3.96 18.32
N ARG B 49 -24.70 3.43 19.45
CA ARG B 49 -25.90 2.56 19.36
C ARG B 49 -27.14 3.34 18.90
N ASP B 50 -27.39 4.52 19.47
CA ASP B 50 -28.69 5.10 19.18
C ASP B 50 -28.79 5.55 17.74
N THR B 51 -27.72 6.09 17.16
CA THR B 51 -27.75 6.39 15.73
C THR B 51 -27.93 5.12 14.89
N LEU B 52 -27.21 4.05 15.24
CA LEU B 52 -27.30 2.81 14.49
C LEU B 52 -28.71 2.24 14.49
N GLU B 53 -29.36 2.24 15.67
CA GLU B 53 -30.72 1.71 15.77
CA GLU B 53 -30.69 1.68 15.72
C GLU B 53 -31.70 2.57 14.98
N ARG B 54 -31.50 3.90 15.00
CA ARG B 54 -32.35 4.79 14.20
C ARG B 54 -32.21 4.47 12.73
N THR B 55 -30.99 4.30 12.26
CA THR B 55 -30.77 3.99 10.86
C THR B 55 -31.43 2.67 10.50
N ALA B 56 -31.29 1.67 11.38
CA ALA B 56 -31.95 0.41 11.08
C ALA B 56 -33.47 0.56 11.04
N ASP B 57 -34.03 1.36 11.95
CA ASP B 57 -35.48 1.62 11.91
C ASP B 57 -35.88 2.14 10.56
N GLU B 58 -35.13 3.12 10.11
CA GLU B 58 -35.46 3.84 8.88
C GLU B 58 -35.31 2.95 7.66
N ILE B 59 -34.24 2.15 7.62
CA ILE B 59 -34.09 1.25 6.48
C ILE B 59 -35.21 0.21 6.49
N ARG B 60 -35.59 -0.29 7.67
CA ARG B 60 -36.69 -1.26 7.69
C ARG B 60 -37.96 -0.63 7.14
N ALA B 61 -38.23 0.62 7.49
CA ALA B 61 -39.44 1.27 6.99
C ALA B 61 -39.38 1.46 5.47
N ALA B 62 -38.19 1.70 4.95
CA ALA B 62 -38.00 2.09 3.57
C ALA B 62 -37.91 0.90 2.64
N SER B 63 -37.73 -0.31 3.17
CA SER B 63 -37.40 -1.48 2.34
C SER B 63 -38.23 -2.65 2.80
N ASN B 64 -38.06 -3.78 2.14
CA ASN B 64 -38.77 -5.01 2.53
C ASN B 64 -37.79 -6.09 2.96
N VAL B 65 -36.71 -5.72 3.63
CA VAL B 65 -35.71 -6.72 4.01
C VAL B 65 -35.58 -6.68 5.52
N SER B 66 -34.89 -7.69 6.07
CA SER B 66 -34.56 -7.63 7.49
C SER B 66 -33.28 -6.84 7.71
N VAL B 67 -33.22 -6.15 8.85
CA VAL B 67 -31.98 -5.42 9.19
C VAL B 67 -31.66 -5.78 10.62
N ALA B 68 -30.44 -6.24 10.86
CA ALA B 68 -29.94 -6.44 12.22
C ALA B 68 -28.79 -5.46 12.44
N THR B 69 -28.57 -5.08 13.71
CA THR B 69 -27.51 -4.13 14.04
C THR B 69 -26.50 -4.78 14.99
N VAL B 70 -25.23 -4.37 14.90
CA VAL B 70 -24.18 -4.71 15.86
C VAL B 70 -23.47 -3.43 16.22
N ALA B 71 -23.56 -3.04 17.47
CA ALA B 71 -22.92 -1.81 17.93
C ALA B 71 -21.56 -2.22 18.43
N CYS B 72 -20.52 -1.90 17.69
CA CYS B 72 -19.19 -2.36 18.07
C CYS B 72 -18.18 -1.51 17.33
N ASP B 73 -16.93 -1.59 17.76
CA ASP B 73 -15.83 -0.96 17.02
C ASP B 73 -15.23 -2.03 16.13
N ILE B 74 -15.47 -1.92 14.82
CA ILE B 74 -15.09 -2.96 13.88
C ILE B 74 -13.57 -3.06 13.75
N THR B 75 -12.84 -2.08 14.26
CA THR B 75 -11.40 -2.17 14.09
C THR B 75 -10.76 -2.86 15.28
N THR B 76 -11.54 -3.44 16.21
CA THR B 76 -10.96 -4.25 17.30
C THR B 76 -11.26 -5.74 17.13
N PRO B 77 -10.47 -6.61 17.75
CA PRO B 77 -10.81 -8.04 17.62
C PRO B 77 -12.20 -8.36 18.13
N ASP B 78 -12.58 -7.78 19.28
CA ASP B 78 -13.88 -8.10 19.88
C ASP B 78 -15.01 -7.60 19.02
N GLY B 79 -14.81 -6.43 18.39
CA GLY B 79 -15.81 -5.89 17.49
C GLY B 79 -15.96 -6.73 16.23
N ARG B 80 -14.84 -7.18 15.68
CA ARG B 80 -14.96 -8.09 14.56
C ARG B 80 -15.65 -9.38 14.95
N ALA B 81 -15.35 -9.90 16.13
CA ALA B 81 -16.01 -11.14 16.57
C ALA B 81 -17.51 -10.91 16.71
N ALA B 82 -17.91 -9.75 17.27
CA ALA B 82 -19.35 -9.50 17.45
C ALA B 82 -20.04 -9.39 16.09
N ALA B 83 -19.39 -8.73 15.13
CA ALA B 83 -19.99 -8.60 13.81
C ALA B 83 -20.15 -9.96 13.15
N LEU B 84 -19.12 -10.81 13.28
CA LEU B 84 -19.19 -12.12 12.66
C LEU B 84 -20.15 -13.03 13.41
N ALA B 85 -20.27 -12.88 14.73
CA ALA B 85 -21.29 -13.66 15.43
C ALA B 85 -22.68 -13.31 14.89
N ALA B 86 -22.92 -12.05 14.58
CA ALA B 86 -24.24 -11.63 14.09
C ALA B 86 -24.45 -11.96 12.62
N CYS B 87 -23.38 -12.10 11.86
CA CYS B 87 -23.49 -12.35 10.43
C CYS B 87 -22.35 -13.29 10.10
N PRO B 88 -22.51 -14.57 10.40
CA PRO B 88 -21.38 -15.51 10.28
C PRO B 88 -21.06 -15.90 8.85
N GLN B 89 -22.03 -15.80 7.94
CA GLN B 89 -21.89 -16.27 6.56
C GLN B 89 -22.44 -15.26 5.57
N PRO B 90 -21.92 -14.03 5.55
CA PRO B 90 -22.45 -13.07 4.56
C PRO B 90 -22.13 -13.49 3.14
N ASP B 91 -23.07 -13.13 2.21
CA ASP B 91 -22.76 -13.24 0.79
C ASP B 91 -21.99 -12.05 0.30
N ILE B 92 -22.23 -10.93 0.94
CA ILE B 92 -21.67 -9.65 0.54
C ILE B 92 -21.02 -9.05 1.75
N LEU B 93 -19.82 -8.51 1.59
CA LEU B 93 -19.15 -7.78 2.67
C LEU B 93 -18.78 -6.39 2.17
N VAL B 94 -19.22 -5.35 2.86
CA VAL B 94 -18.79 -3.98 2.54
C VAL B 94 -17.83 -3.57 3.67
N ASN B 95 -16.56 -3.38 3.33
CA ASN B 95 -15.55 -2.97 4.31
C ASN B 95 -15.49 -1.45 4.35
N ASN B 96 -15.44 -0.90 5.56
CA ASN B 96 -15.49 0.54 5.77
C ASN B 96 -15.16 0.77 7.24
N ALA B 97 -14.57 1.93 7.51
CA ALA B 97 -14.29 2.36 8.88
C ALA B 97 -13.85 3.82 8.76
N GLY B 98 -13.81 4.52 9.89
CA GLY B 98 -13.36 5.90 9.85
C GLY B 98 -11.93 5.98 9.39
N GLY B 99 -11.58 7.10 8.75
CA GLY B 99 -10.24 7.26 8.20
C GLY B 99 -9.33 7.89 9.23
N PRO B 100 -8.05 7.90 8.94
CA PRO B 100 -7.09 8.34 9.92
C PRO B 100 -6.99 9.87 9.94
N PRO B 101 -6.31 10.43 10.93
CA PRO B 101 -6.25 11.88 11.00
C PRO B 101 -5.24 12.45 10.01
N PRO B 102 -5.45 13.67 9.54
CA PRO B 102 -4.45 14.34 8.68
C PRO B 102 -3.30 14.86 9.50
N GLY B 103 -2.19 15.06 8.81
CA GLY B 103 -1.08 15.71 9.46
C GLY B 103 0.19 15.35 8.72
N ASP B 104 1.30 15.82 9.27
CA ASP B 104 2.61 15.57 8.70
C ASP B 104 3.23 14.36 9.38
N PHE B 105 3.74 13.41 8.57
CA PHE B 105 4.22 12.17 9.15
C PHE B 105 5.40 12.41 10.09
N ARG B 106 6.05 13.58 10.01
CA ARG B 106 7.15 13.80 10.93
C ARG B 106 6.68 14.00 12.35
N ASP B 107 5.43 14.40 12.52
CA ASP B 107 4.73 14.62 13.78
C ASP B 107 3.99 13.39 14.25
N PHE B 108 3.94 12.32 13.46
CA PHE B 108 3.22 11.11 13.89
C PHE B 108 4.09 10.28 14.80
N SER B 109 3.44 9.59 15.71
CA SER B 109 4.15 8.57 16.45
C SER B 109 3.99 7.27 15.69
N HIS B 110 4.85 6.31 16.02
CA HIS B 110 4.66 4.95 15.50
C HIS B 110 3.22 4.45 15.65
N ASP B 111 2.61 4.67 16.84
CA ASP B 111 1.25 4.14 17.07
C ASP B 111 0.23 4.75 16.11
N ASP B 112 0.49 5.98 15.60
CA ASP B 112 -0.43 6.52 14.58
C ASP B 112 -0.46 5.64 13.35
N TRP B 113 0.73 5.15 12.92
CA TRP B 113 0.78 4.25 11.76
C TRP B 113 0.05 2.95 12.08
N ILE B 114 0.28 2.42 13.27
CA ILE B 114 -0.31 1.14 13.58
C ILE B 114 -1.82 1.27 13.63
N ARG B 115 -2.34 2.34 14.25
CA ARG B 115 -3.80 2.51 14.31
C ARG B 115 -4.39 2.62 12.91
N ALA B 116 -3.75 3.38 12.04
CA ALA B 116 -4.26 3.56 10.65
C ALA B 116 -4.21 2.24 9.88
N LEU B 117 -3.10 1.50 10.03
CA LEU B 117 -2.99 0.20 9.38
C LEU B 117 -4.05 -0.76 9.93
N GLU B 118 -4.24 -0.79 11.24
CA GLU B 118 -5.30 -1.66 11.77
CA GLU B 118 -5.29 -1.65 11.78
C GLU B 118 -6.66 -1.27 11.22
N SER B 119 -6.97 0.02 11.20
CA SER B 119 -8.33 0.40 10.91
C SER B 119 -8.64 0.19 9.43
N ASN B 120 -7.71 0.58 8.56
CA ASN B 120 -8.06 0.74 7.15
C ASN B 120 -7.36 -0.27 6.28
N MET B 121 -6.60 -1.18 6.87
CA MET B 121 -6.03 -2.25 6.07
C MET B 121 -6.25 -3.60 6.74
N LEU B 122 -5.83 -3.76 8.01
CA LEU B 122 -5.85 -5.10 8.55
C LEU B 122 -7.27 -5.52 8.93
N THR B 123 -8.09 -4.56 9.37
CA THR B 123 -9.49 -4.87 9.70
C THR B 123 -10.21 -5.42 8.46
N PRO B 124 -10.16 -4.75 7.30
CA PRO B 124 -10.78 -5.36 6.10
C PRO B 124 -10.16 -6.70 5.77
N ILE B 125 -8.82 -6.83 5.85
CA ILE B 125 -8.23 -8.12 5.49
C ILE B 125 -8.76 -9.20 6.41
N GLU B 126 -8.82 -8.91 7.71
CA GLU B 126 -9.29 -9.93 8.64
C GLU B 126 -10.75 -10.31 8.37
N LEU B 127 -11.58 -9.33 8.04
CA LEU B 127 -12.99 -9.69 7.77
C LEU B 127 -13.12 -10.47 6.47
N ILE B 128 -12.27 -10.20 5.50
CA ILE B 128 -12.22 -11.04 4.31
C ILE B 128 -11.75 -12.46 4.70
N ARG B 129 -10.68 -12.53 5.51
CA ARG B 129 -10.18 -13.86 5.92
C ARG B 129 -11.31 -14.67 6.52
N ALA B 130 -12.18 -13.99 7.27
CA ALA B 130 -13.14 -14.70 8.12
C ALA B 130 -14.37 -15.12 7.33
N THR B 131 -14.57 -14.51 6.18
CA THR B 131 -15.78 -14.72 5.43
C THR B 131 -15.58 -15.31 4.05
N VAL B 132 -14.35 -15.32 3.52
CA VAL B 132 -14.23 -15.66 2.08
C VAL B 132 -14.45 -17.15 1.88
N ASP B 133 -14.10 -18.00 2.85
CA ASP B 133 -14.22 -19.42 2.58
C ASP B 133 -15.68 -19.83 2.44
N GLY B 134 -16.59 -19.24 3.21
CA GLY B 134 -18.01 -19.56 3.05
C GLY B 134 -18.53 -19.07 1.72
N MET B 135 -18.03 -17.92 1.24
CA MET B 135 -18.43 -17.42 -0.07
C MET B 135 -18.00 -18.41 -1.14
N ILE B 136 -16.76 -18.87 -1.04
CA ILE B 136 -16.24 -19.84 -1.97
C ILE B 136 -17.09 -21.11 -1.93
N ALA B 137 -17.39 -21.59 -0.72
CA ALA B 137 -18.16 -22.82 -0.59
C ALA B 137 -19.53 -22.71 -1.26
N ARG B 138 -20.13 -21.54 -1.24
CA ARG B 138 -21.43 -21.30 -1.87
C ARG B 138 -21.32 -20.90 -3.32
N GLY B 139 -20.11 -20.70 -3.84
CA GLY B 139 -19.94 -20.29 -5.23
C GLY B 139 -20.35 -18.88 -5.54
N PHE B 140 -20.49 -18.03 -4.52
CA PHE B 140 -20.87 -16.62 -4.75
C PHE B 140 -20.36 -15.76 -3.61
N GLY B 141 -19.67 -14.65 -3.91
CA GLY B 141 -19.30 -13.71 -2.89
C GLY B 141 -19.02 -12.38 -3.54
N ARG B 142 -19.29 -11.30 -2.81
CA ARG B 142 -19.02 -9.96 -3.31
C ARG B 142 -18.42 -9.22 -2.12
N ILE B 143 -17.20 -8.76 -2.29
CA ILE B 143 -16.51 -7.94 -1.29
C ILE B 143 -16.25 -6.60 -1.93
N VAL B 144 -16.71 -5.53 -1.29
CA VAL B 144 -16.44 -4.17 -1.76
C VAL B 144 -15.77 -3.42 -0.63
N ASN B 145 -14.64 -2.83 -0.91
CA ASN B 145 -13.90 -2.08 0.10
C ASN B 145 -14.04 -0.61 -0.23
N ILE B 146 -14.52 0.16 0.75
CA ILE B 146 -14.54 1.62 0.56
C ILE B 146 -13.15 2.15 0.87
N THR B 147 -12.47 2.75 -0.13
CA THR B 147 -11.12 3.25 0.18
C THR B 147 -11.10 4.75 -0.03
N SER B 148 -10.43 5.27 -1.07
CA SER B 148 -10.31 6.73 -1.18
C SER B 148 -9.67 7.05 -2.52
N SER B 149 -10.08 8.15 -3.14
CA SER B 149 -9.41 8.61 -4.37
C SER B 149 -7.93 8.88 -4.09
N ALA B 150 -7.54 9.00 -2.80
CA ALA B 150 -6.16 9.22 -2.41
C ALA B 150 -5.26 8.06 -2.79
N VAL B 151 -5.84 6.88 -2.94
CA VAL B 151 -5.09 5.73 -3.41
C VAL B 151 -4.48 6.01 -4.79
N LYS B 152 -5.25 6.70 -5.65
CA LYS B 152 -4.71 7.02 -6.97
C LYS B 152 -3.86 8.25 -6.95
N ALA B 153 -4.15 9.21 -6.09
CA ALA B 153 -3.39 10.47 -6.09
C ALA B 153 -3.17 10.91 -4.65
N PRO B 154 -2.11 10.44 -4.00
CA PRO B 154 -1.96 10.63 -2.56
C PRO B 154 -1.85 12.10 -2.23
N ILE B 155 -2.50 12.53 -1.11
CA ILE B 155 -2.40 13.92 -0.64
C ILE B 155 -1.34 13.99 0.44
N ASP B 156 -0.50 15.04 0.42
CA ASP B 156 0.61 15.14 1.35
C ASP B 156 0.18 14.97 2.81
N VAL B 157 -0.90 15.65 3.19
CA VAL B 157 -1.39 15.65 4.58
C VAL B 157 -2.16 14.38 4.95
N LEU B 158 -2.36 13.48 4.03
CA LEU B 158 -3.07 12.23 4.32
C LEU B 158 -2.12 11.05 4.29
N ALA B 159 -0.89 11.24 4.78
CA ALA B 159 0.09 10.14 4.74
C ALA B 159 -0.47 8.83 5.29
N LEU B 160 -1.22 8.88 6.40
CA LEU B 160 -1.64 7.63 7.06
C LEU B 160 -2.63 6.87 6.19
N SER B 161 -3.52 7.61 5.54
CA SER B 161 -4.45 6.99 4.58
C SER B 161 -3.73 6.59 3.30
N ASN B 162 -2.90 7.46 2.72
CA ASN B 162 -2.12 7.07 1.56
C ASN B 162 -1.47 5.72 1.80
N GLY B 163 -0.89 5.54 2.99
CA GLY B 163 -0.17 4.28 3.21
C GLY B 163 -1.13 3.12 3.47
N ALA B 164 -2.02 3.25 4.44
CA ALA B 164 -2.82 2.08 4.81
C ALA B 164 -3.72 1.66 3.69
N ARG B 165 -4.32 2.64 3.00
CA ARG B 165 -5.28 2.20 2.00
C ARG B 165 -4.57 1.66 0.76
N SER B 166 -3.37 2.19 0.43
CA SER B 166 -2.61 1.61 -0.67
C SER B 166 -2.18 0.19 -0.30
N GLY B 167 -1.90 -0.05 0.98
CA GLY B 167 -1.55 -1.41 1.42
C GLY B 167 -2.72 -2.36 1.20
N LEU B 168 -3.93 -1.93 1.60
CA LEU B 168 -5.11 -2.77 1.38
C LEU B 168 -5.26 -3.04 -0.11
N THR B 169 -5.08 -2.00 -0.91
CA THR B 169 -5.33 -2.10 -2.34
C THR B 169 -4.38 -3.11 -2.96
N GLY B 170 -3.09 -3.10 -2.53
CA GLY B 170 -2.14 -4.05 -3.07
C GLY B 170 -2.52 -5.47 -2.67
N PHE B 171 -2.94 -5.65 -1.43
CA PHE B 171 -3.33 -6.99 -0.98
C PHE B 171 -4.52 -7.48 -1.81
N VAL B 172 -5.53 -6.61 -1.95
CA VAL B 172 -6.76 -6.99 -2.69
C VAL B 172 -6.42 -7.41 -4.10
N ALA B 173 -5.54 -6.66 -4.77
CA ALA B 173 -5.21 -7.04 -6.16
C ALA B 173 -4.74 -8.50 -6.24
N GLY B 174 -3.97 -8.95 -5.25
CA GLY B 174 -3.47 -10.30 -5.38
C GLY B 174 -4.54 -11.33 -5.08
N LEU B 175 -5.33 -11.07 -4.03
CA LEU B 175 -6.33 -12.07 -3.64
C LEU B 175 -7.43 -12.16 -4.69
N ALA B 176 -7.77 -11.03 -5.29
CA ALA B 176 -8.92 -10.99 -6.22
C ALA B 176 -8.76 -12.04 -7.31
N ARG B 177 -7.56 -12.16 -7.88
CA ARG B 177 -7.36 -13.10 -8.98
C ARG B 177 -7.44 -14.54 -8.50
N LYS B 178 -7.20 -14.77 -7.20
CA LYS B 178 -7.19 -16.13 -6.70
CA LYS B 178 -7.19 -16.15 -6.73
C LYS B 178 -8.61 -16.70 -6.53
N VAL B 179 -9.59 -15.86 -6.23
CA VAL B 179 -10.91 -16.40 -5.85
C VAL B 179 -12.00 -16.12 -6.88
N VAL B 180 -11.73 -15.33 -7.91
CA VAL B 180 -12.82 -15.00 -8.83
C VAL B 180 -13.35 -16.23 -9.56
N GLY B 181 -12.50 -17.22 -9.83
CA GLY B 181 -12.99 -18.41 -10.47
C GLY B 181 -13.91 -19.25 -9.58
N GLN B 182 -13.96 -18.95 -8.30
CA GLN B 182 -14.86 -19.59 -7.36
CA GLN B 182 -14.87 -19.59 -7.37
C GLN B 182 -16.11 -18.75 -7.11
N GLY B 183 -16.32 -17.69 -7.90
CA GLY B 183 -17.54 -16.90 -7.87
C GLY B 183 -17.48 -15.75 -6.89
N VAL B 184 -16.30 -15.39 -6.39
CA VAL B 184 -16.12 -14.34 -5.43
C VAL B 184 -15.36 -13.20 -6.09
N THR B 185 -15.92 -12.00 -6.06
CA THR B 185 -15.17 -10.85 -6.56
C THR B 185 -14.82 -9.92 -5.40
N ILE B 186 -13.74 -9.16 -5.59
CA ILE B 186 -13.25 -8.24 -4.57
C ILE B 186 -12.82 -6.96 -5.29
N ASN B 187 -13.53 -5.86 -4.99
CA ASN B 187 -13.32 -4.62 -5.73
C ASN B 187 -13.36 -3.47 -4.74
N ASN B 188 -12.76 -2.35 -5.14
CA ASN B 188 -12.62 -1.21 -4.24
C ASN B 188 -13.35 -0.03 -4.89
N LEU B 189 -14.04 0.74 -4.06
CA LEU B 189 -14.68 1.98 -4.51
C LEU B 189 -13.93 3.11 -3.91
N LEU B 190 -13.46 4.04 -4.76
CA LEU B 190 -12.57 5.12 -4.37
C LEU B 190 -13.31 6.44 -4.40
N PRO B 191 -13.88 6.91 -3.28
CA PRO B 191 -14.64 8.16 -3.35
C PRO B 191 -13.72 9.35 -3.42
N GLY B 192 -14.12 10.35 -4.22
CA GLY B 192 -13.48 11.66 -4.18
C GLY B 192 -14.33 12.31 -3.10
N LEU B 193 -14.84 13.51 -3.29
CA LEU B 193 -15.47 14.24 -2.18
C LEU B 193 -16.97 14.02 -2.26
N PHE B 194 -17.53 13.45 -1.20
CA PHE B 194 -18.96 13.14 -1.15
C PHE B 194 -19.61 13.94 -0.03
N ASP B 195 -20.87 14.28 -0.26
CA ASP B 195 -21.64 15.18 0.59
C ASP B 195 -22.15 14.36 1.79
N THR B 196 -21.29 14.09 2.74
CA THR B 196 -21.74 13.41 3.96
C THR B 196 -21.72 14.39 5.14
N ASP B 197 -22.46 14.03 6.18
CA ASP B 197 -22.54 14.93 7.33
C ASP B 197 -21.16 15.16 7.93
N ARG B 198 -20.32 14.12 7.95
CA ARG B 198 -18.96 14.29 8.47
C ARG B 198 -18.18 15.33 7.64
N ILE B 199 -18.25 15.21 6.31
CA ILE B 199 -17.56 16.18 5.46
C ILE B 199 -18.09 17.58 5.77
N ALA B 200 -19.44 17.71 5.92
CA ALA B 200 -20.00 19.04 6.19
C ALA B 200 -19.52 19.59 7.51
N THR B 201 -19.50 18.76 8.54
CA THR B 201 -19.00 19.19 9.84
C THR B 201 -17.54 19.62 9.74
N THR B 202 -16.73 18.86 9.00
CA THR B 202 -15.33 19.21 8.88
C THR B 202 -15.17 20.53 8.14
N LEU B 203 -15.90 20.70 7.04
CA LEU B 203 -15.85 21.94 6.27
C LEU B 203 -16.16 23.15 7.14
N ALA B 204 -17.24 23.10 7.93
CA ALA B 204 -17.57 24.24 8.79
C ALA B 204 -16.46 24.55 9.79
N ALA B 205 -15.87 23.51 10.39
CA ALA B 205 -14.75 23.76 11.28
C ALA B 205 -13.59 24.40 10.53
N ALA B 206 -13.35 23.97 9.28
CA ALA B 206 -12.24 24.51 8.51
C ALA B 206 -12.50 25.94 8.09
N ALA B 207 -13.74 26.25 7.71
CA ALA B 207 -14.11 27.62 7.40
C ALA B 207 -13.86 28.54 8.59
N ASN B 208 -14.35 28.15 9.78
CA ASN B 208 -14.17 28.99 10.96
C ASN B 208 -12.69 29.13 11.31
N ALA B 209 -11.88 28.08 11.10
CA ALA B 209 -10.44 28.17 11.38
C ALA B 209 -9.70 29.08 10.39
N GLN B 210 -10.22 29.23 9.17
CA GLN B 210 -9.64 30.12 8.17
C GLN B 210 -10.27 31.51 8.15
N GLY B 211 -11.44 31.69 8.75
CA GLY B 211 -12.13 32.95 8.70
C GLY B 211 -13.06 33.14 7.53
N VAL B 212 -13.21 32.12 6.66
CA VAL B 212 -14.05 32.23 5.47
C VAL B 212 -15.46 31.75 5.83
N THR B 213 -16.44 32.16 5.03
CA THR B 213 -17.77 31.59 5.21
C THR B 213 -17.77 30.15 4.70
N VAL B 214 -18.82 29.39 5.10
CA VAL B 214 -18.93 28.02 4.61
C VAL B 214 -19.15 28.01 3.10
N ASP B 215 -19.94 28.97 2.58
CA ASP B 215 -20.17 29.00 1.14
C ASP B 215 -18.88 29.24 0.36
N GLU B 216 -18.02 30.12 0.85
CA GLU B 216 -16.76 30.37 0.16
C GLU B 216 -15.87 29.13 0.16
N LEU B 217 -15.81 28.40 1.28
CA LEU B 217 -15.00 27.19 1.31
C LEU B 217 -15.61 26.08 0.46
N ARG B 218 -16.92 25.90 0.52
CA ARG B 218 -17.62 24.94 -0.33
C ARG B 218 -17.29 25.18 -1.79
N ALA B 219 -17.36 26.46 -2.20
CA ALA B 219 -17.10 26.76 -3.59
C ALA B 219 -15.66 26.45 -3.96
N ARG B 220 -14.73 26.76 -3.06
CA ARG B 220 -13.33 26.49 -3.33
C ARG B 220 -13.11 25.00 -3.63
N ARG B 221 -13.61 24.12 -2.76
CA ARG B 221 -13.47 22.67 -2.97
C ARG B 221 -14.09 22.25 -4.29
N THR B 222 -15.26 22.79 -4.59
CA THR B 222 -15.97 22.39 -5.78
C THR B 222 -15.26 22.82 -7.05
N ARG B 223 -14.52 23.94 -7.01
CA ARG B 223 -13.84 24.41 -8.21
C ARG B 223 -12.78 23.45 -8.64
N ASP B 224 -12.31 22.60 -7.74
CA ASP B 224 -11.30 21.62 -8.08
C ASP B 224 -11.90 20.29 -8.50
N ILE B 225 -13.22 20.22 -8.62
CA ILE B 225 -13.93 19.03 -9.09
C ILE B 225 -14.55 19.34 -10.45
N PRO B 226 -14.13 18.69 -11.53
CA PRO B 226 -14.67 19.04 -12.84
C PRO B 226 -16.18 18.85 -12.90
N ALA B 227 -16.71 17.84 -12.19
CA ALA B 227 -18.18 17.65 -12.21
C ALA B 227 -18.88 18.83 -11.58
N GLY B 228 -18.17 19.64 -10.79
CA GLY B 228 -18.79 20.85 -10.27
C GLY B 228 -19.75 20.64 -9.11
N ARG B 229 -19.70 19.48 -8.46
CA ARG B 229 -20.60 19.14 -7.36
C ARG B 229 -19.92 18.08 -6.52
N LEU B 230 -20.45 17.86 -5.30
CA LEU B 230 -19.94 16.73 -4.55
C LEU B 230 -20.72 15.48 -4.97
N GLY B 231 -20.14 14.31 -4.64
CA GLY B 231 -20.85 13.07 -4.83
C GLY B 231 -21.96 12.85 -3.76
N THR B 232 -22.96 12.00 -4.13
CA THR B 232 -24.04 11.63 -3.23
C THR B 232 -23.85 10.20 -2.72
N ARG B 233 -24.22 9.96 -1.48
CA ARG B 233 -24.15 8.58 -0.96
C ARG B 233 -25.04 7.65 -1.78
N ALA B 234 -26.08 8.21 -2.43
CA ALA B 234 -26.95 7.35 -3.24
C ALA B 234 -26.21 6.83 -4.47
N GLU B 235 -25.43 7.70 -5.13
CA GLU B 235 -24.82 7.18 -6.36
C GLU B 235 -23.64 6.30 -5.97
N PHE B 236 -23.02 6.59 -4.81
CA PHE B 236 -21.98 5.70 -4.31
C PHE B 236 -22.58 4.33 -4.00
N GLY B 237 -23.76 4.32 -3.33
CA GLY B 237 -24.38 3.03 -3.04
C GLY B 237 -24.82 2.30 -4.30
N ALA B 238 -25.24 3.04 -5.33
CA ALA B 238 -25.67 2.39 -6.57
C ALA B 238 -24.50 1.63 -7.20
N ALA B 239 -23.30 2.24 -7.21
CA ALA B 239 -22.16 1.55 -7.78
C ALA B 239 -21.80 0.33 -6.94
N CYS B 240 -21.90 0.46 -5.63
CA CYS B 240 -21.69 -0.70 -4.76
C CYS B 240 -22.67 -1.81 -5.10
N ALA B 241 -23.94 -1.46 -5.24
CA ALA B 241 -24.94 -2.50 -5.53
C ALA B 241 -24.65 -3.16 -6.87
N PHE B 242 -24.26 -2.37 -7.88
CA PHE B 242 -23.96 -2.98 -9.16
C PHE B 242 -22.77 -3.98 -9.02
N LEU B 243 -21.69 -3.58 -8.33
CA LEU B 243 -20.58 -4.52 -8.13
C LEU B 243 -21.05 -5.77 -7.37
N CYS B 244 -22.03 -5.61 -6.52
CA CYS B 244 -22.49 -6.80 -5.76
C CYS B 244 -23.46 -7.66 -6.56
N SER B 245 -23.79 -7.24 -7.79
CA SER B 245 -24.86 -7.91 -8.54
C SER B 245 -24.36 -9.15 -9.27
N VAL B 246 -25.32 -9.94 -9.76
CA VAL B 246 -24.99 -11.08 -10.60
C VAL B 246 -24.46 -10.64 -11.96
N HIS B 247 -24.51 -9.36 -12.29
CA HIS B 247 -24.00 -8.84 -13.57
C HIS B 247 -22.55 -8.43 -13.49
N ALA B 248 -21.91 -8.58 -12.32
CA ALA B 248 -20.56 -8.08 -12.16
C ALA B 248 -19.58 -9.20 -11.79
N GLY B 249 -19.91 -10.46 -12.14
CA GLY B 249 -19.02 -11.57 -11.73
C GLY B 249 -17.72 -11.65 -12.53
N TYR B 250 -17.61 -10.84 -13.60
CA TYR B 250 -16.41 -10.83 -14.42
C TYR B 250 -15.52 -9.64 -14.08
N ILE B 251 -15.90 -8.88 -13.08
CA ILE B 251 -15.22 -7.64 -12.70
C ILE B 251 -14.55 -7.92 -11.36
N THR B 252 -13.21 -7.97 -11.30
CA THR B 252 -12.61 -8.18 -9.99
C THR B 252 -11.25 -7.49 -9.92
N GLY B 253 -10.88 -7.15 -8.70
CA GLY B 253 -9.65 -6.38 -8.43
C GLY B 253 -9.69 -4.98 -9.02
N GLN B 254 -10.87 -4.42 -9.21
CA GLN B 254 -10.85 -3.13 -9.84
CA GLN B 254 -10.98 -3.12 -9.86
C GLN B 254 -10.93 -2.02 -8.79
N ASN B 255 -10.50 -0.82 -9.20
CA ASN B 255 -10.49 0.34 -8.29
C ASN B 255 -11.32 1.40 -8.98
N TRP B 256 -12.62 1.43 -8.70
CA TRP B 256 -13.53 2.35 -9.40
C TRP B 256 -13.46 3.71 -8.74
N LEU B 257 -13.02 4.69 -9.47
CA LEU B 257 -12.83 6.02 -8.95
C LEU B 257 -14.13 6.80 -9.16
N LEU B 258 -14.74 7.28 -8.06
CA LEU B 258 -16.01 8.02 -8.18
C LEU B 258 -15.67 9.42 -7.71
N ASP B 259 -15.15 10.26 -8.63
CA ASP B 259 -14.61 11.50 -8.10
C ASP B 259 -14.93 12.68 -8.99
N GLY B 260 -15.90 12.56 -9.89
CA GLY B 260 -16.27 13.70 -10.69
C GLY B 260 -15.16 14.16 -11.62
N GLY B 261 -14.21 13.28 -11.96
CA GLY B 261 -13.15 13.68 -12.88
C GLY B 261 -11.94 14.30 -12.20
N ALA B 262 -11.96 14.39 -10.86
CA ALA B 262 -10.98 15.23 -10.21
C ALA B 262 -9.57 14.70 -10.43
N TYR B 263 -9.40 13.42 -10.40
CA TYR B 263 -8.04 12.92 -10.58
C TYR B 263 -7.72 12.98 -12.07
N PRO B 264 -6.56 13.51 -12.46
CA PRO B 264 -6.34 13.78 -13.88
C PRO B 264 -5.63 12.68 -14.65
N GLY B 265 -5.31 11.52 -14.04
CA GLY B 265 -4.54 10.51 -14.77
C GLY B 265 -5.41 9.79 -15.78
N THR B 266 -4.77 9.31 -16.85
CA THR B 266 -5.43 8.49 -17.87
C THR B 266 -5.93 7.22 -17.26
N PHE B 267 -5.06 6.57 -16.48
CA PHE B 267 -5.41 5.44 -15.64
C PHE B 267 -4.99 5.77 -14.21
S SO4 C . 25.21 -11.61 -4.09
O1 SO4 C . 23.90 -12.12 -3.71
O2 SO4 C . 25.77 -10.54 -3.26
O3 SO4 C . 25.12 -11.09 -5.50
O4 SO4 C . 26.21 -12.71 -4.16
S SO4 D . 11.71 -12.44 -3.44
O1 SO4 D . 12.98 -11.81 -3.75
O2 SO4 D . 10.97 -11.62 -2.48
O3 SO4 D . 10.88 -12.54 -4.64
O4 SO4 D . 11.98 -13.80 -2.94
C1 EDO E . 31.25 -12.71 -5.10
O1 EDO E . 30.88 -12.90 -3.70
C2 EDO E . 30.16 -12.00 -5.95
O2 EDO E . 30.85 -11.10 -6.85
CL CL F . 7.99 -23.65 -9.53
PA NAP G . 19.68 -10.85 -0.27
O1A NAP G . 20.48 -11.31 -1.40
O2A NAP G . 19.16 -11.89 0.66
O5B NAP G . 20.33 -9.69 0.50
C5B NAP G . 19.72 -9.24 1.71
C4B NAP G . 20.75 -8.36 2.41
O4B NAP G . 20.07 -7.64 3.48
C3B NAP G . 21.85 -9.16 3.09
O3B NAP G . 23.03 -8.38 3.18
C2B NAP G . 21.23 -9.41 4.48
O2B NAP G . 22.31 -9.75 5.38
C1B NAP G . 20.59 -8.04 4.73
N9A NAP G . 19.47 -8.05 5.64
C8A NAP G . 18.30 -8.77 5.52
N7A NAP G . 17.43 -8.53 6.47
C5A NAP G . 18.05 -7.57 7.26
C6A NAP G . 17.66 -6.92 8.43
N6A NAP G . 16.48 -7.17 9.08
N1A NAP G . 18.50 -6.01 8.97
C2A NAP G . 19.67 -5.77 8.34
N3A NAP G . 20.16 -6.34 7.23
C4A NAP G . 19.29 -7.25 6.75
O3 NAP G . 18.31 -10.24 -0.83
PN NAP G . 18.01 -9.66 -2.29
O1N NAP G . 17.67 -10.81 -3.16
O2N NAP G . 19.05 -8.65 -2.63
O5D NAP G . 16.61 -8.97 -1.99
C5D NAP G . 16.63 -7.63 -1.38
C4D NAP G . 15.19 -7.20 -1.18
O4D NAP G . 14.57 -7.08 -2.48
C3D NAP G . 14.31 -8.16 -0.38
O3D NAP G . 13.31 -7.47 0.38
C2D NAP G . 13.59 -8.95 -1.49
O2D NAP G . 12.35 -9.54 -1.06
C1D NAP G . 13.37 -7.83 -2.51
N1N NAP G . 13.18 -8.36 -3.90
C2N NAP G . 14.24 -8.99 -4.46
C3N NAP G . 14.11 -9.61 -5.68
C7N NAP G . 15.18 -10.43 -6.37
O7N NAP G . 14.87 -11.11 -7.39
N7N NAP G . 16.45 -10.43 -5.86
C4N NAP G . 12.90 -9.47 -6.39
C5N NAP G . 11.84 -8.79 -5.82
C6N NAP G . 11.99 -8.27 -4.54
P2B NAP G . 21.96 -10.42 6.78
O1X NAP G . 21.05 -11.61 6.61
O2X NAP G . 23.41 -10.73 7.38
O3X NAP G . 21.34 -9.33 7.60
PA NAP H . -19.05 9.01 7.93
O1A NAP H . -20.01 9.91 7.23
O2A NAP H . -18.33 9.55 9.14
O5B NAP H . -19.63 7.63 8.27
C5B NAP H . -18.81 6.66 8.96
C4B NAP H . -19.80 5.63 9.47
O4B NAP H . -19.05 4.51 10.02
C3B NAP H . -20.68 6.11 10.62
O3B NAP H . -21.80 5.22 10.66
C2B NAP H . -19.80 5.78 11.83
O2B NAP H . -20.68 5.69 12.97
C1B NAP H . -19.26 4.41 11.41
N9A NAP H . -17.97 4.07 11.99
C8A NAP H . -16.82 4.84 11.93
N7A NAP H . -15.77 4.26 12.49
C5A NAP H . -16.25 3.04 12.92
C6A NAP H . -15.66 1.98 13.62
N6A NAP H . -14.37 1.99 14.07
N1A NAP H . -16.42 0.89 13.90
C2A NAP H . -17.71 0.89 13.49
N3A NAP H . -18.38 1.83 12.82
C4A NAP H . -17.60 2.89 12.59
O3 NAP H . -17.88 8.75 6.88
PN NAP H . -17.92 8.92 5.29
O1N NAP H . -17.74 10.32 4.88
O2N NAP H . -19.06 8.13 4.76
O5D NAP H . -16.55 8.19 4.94
C5D NAP H . -16.46 6.73 4.92
C4D NAP H . -15.02 6.31 4.68
O4D NAP H . -14.66 6.79 3.36
C3D NAP H . -13.98 6.89 5.66
O3D NAP H . -12.96 5.89 5.89
C2D NAP H . -13.47 8.11 4.91
O2D NAP H . -12.15 8.52 5.32
C1D NAP H . -13.50 7.58 3.47
N1N NAP H . -13.56 8.63 2.45
C2N NAP H . -14.63 9.45 2.43
C3N NAP H . -14.68 10.51 1.55
C7N NAP H . -15.84 11.46 1.46
O7N NAP H . -15.74 12.48 0.75
N7N NAP H . -16.92 11.17 2.23
C4N NAP H . -13.62 10.70 0.64
C5N NAP H . -12.53 9.83 0.67
C6N NAP H . -12.52 8.79 1.59
P2B NAP H . -20.04 5.68 14.49
O1X NAP H . -19.19 6.95 14.58
O2X NAP H . -21.24 5.56 15.39
O3X NAP H . -19.26 4.44 14.62
S SO4 I . -25.13 11.35 6.00
O1 SO4 I . -25.82 12.54 6.52
O2 SO4 I . -23.66 11.58 6.07
O3 SO4 I . -25.50 10.16 6.67
O4 SO4 I . -25.53 11.28 4.57
C1 EDO J . 7.45 19.50 9.62
O1 EDO J . 6.22 19.98 10.21
C2 EDO J . 8.55 19.06 10.62
O2 EDO J . 8.01 18.32 11.71
C1 EDO K . -41.24 0.67 -13.18
O1 EDO K . -41.12 2.10 -13.06
C2 EDO K . -41.89 0.24 -14.49
O2 EDO K . -40.89 -0.24 -15.43
CL CL L . -8.40 24.62 2.00
#